data_4JQN
#
_entry.id   4JQN
#
_cell.length_a   50.968
_cell.length_b   74.786
_cell.length_c   106.524
_cell.angle_alpha   90.000
_cell.angle_beta   90.000
_cell.angle_gamma   90.000
#
_symmetry.space_group_name_H-M   'P 21 21 21'
#
loop_
_entity.id
_entity.type
_entity.pdbx_description
1 polymer 'Cytochrome c peroxidase'
2 non-polymer 'PROTOPORPHYRIN IX CONTAINING FE'
3 non-polymer P-HYDROXYBENZALDEHYDE
4 non-polymer '2-(N-MORPHOLINO)-ETHANESULFONIC ACID'
5 non-polymer 'PHOSPHATE ION'
6 water water
#
_entity_poly.entity_id   1
_entity_poly.type   'polypeptide(L)'
_entity_poly.pdbx_seq_one_letter_code
;LVHVASVEKGRSYEDFQKVYNAIALKLREDDEYDNYIGYGPVLVRLAWHISGTWDKHDNTGGSYGGTYRFKKEFNDPSNA
GLQNGFKFLEPIHKEFPWISSGDLFSLGGVTAVQEMQGPKIPWRCGRVDTPEDTTPDNGRLPDADKDAGYVRTFFQRLNM
NDREVVALMGAHALGKTHLKNSGYEGGGANNVFTNEFYLNLLNEDWKLEKNDANNEQWDSKSGYMMLPTDYSLIQDPKYL
SIVKEYANDQDKFFKDFSKAFEKLLENGITFPKDAPSPFIFKTLEEQGL
;
_entity_poly.pdbx_strand_id   A
#
loop_
_chem_comp.id
_chem_comp.type
_chem_comp.name
_chem_comp.formula
HBA non-polymer P-HYDROXYBENZALDEHYDE 'C7 H6 O2'
HEM non-polymer 'PROTOPORPHYRIN IX CONTAINING FE' 'C34 H32 Fe N4 O4'
MES non-polymer '2-(N-MORPHOLINO)-ETHANESULFONIC ACID' 'C6 H13 N O4 S'
PO4 non-polymer 'PHOSPHATE ION' 'O4 P -3'
#
# COMPACT_ATOMS: atom_id res chain seq x y z
N LEU A 1 24.80 1.80 -4.36
CA LEU A 1 24.53 2.47 -2.96
C LEU A 1 24.07 1.45 -1.95
N VAL A 2 24.66 1.45 -0.76
CA VAL A 2 24.33 0.46 0.26
C VAL A 2 23.71 1.14 1.47
N HIS A 3 22.55 0.63 1.87
CA HIS A 3 21.79 1.14 3.02
C HIS A 3 21.69 0.01 4.04
N VAL A 4 22.45 0.12 5.12
CA VAL A 4 22.47 -0.93 6.10
C VAL A 4 21.47 -0.60 7.21
N ALA A 5 20.57 -1.53 7.50
CA ALA A 5 19.62 -1.34 8.59
C ALA A 5 20.37 -1.19 9.91
N SER A 6 19.97 -0.19 10.71
CA SER A 6 20.58 0.09 11.97
C SER A 6 19.44 0.26 12.98
N VAL A 7 19.34 -0.63 13.93
CA VAL A 7 18.22 -0.65 14.90
C VAL A 7 18.29 0.60 15.73
N GLU A 8 17.15 1.27 15.86
CA GLU A 8 17.07 2.42 16.75
C GLU A 8 17.60 2.03 18.12
N LYS A 9 18.45 2.90 18.69
CA LYS A 9 19.26 2.51 19.82
CA LYS A 9 19.27 2.50 19.83
C LYS A 9 18.48 1.94 21.01
N GLY A 10 18.82 0.67 21.33
CA GLY A 10 18.29 -0.04 22.47
C GLY A 10 16.87 -0.55 22.29
N ARG A 11 16.28 -0.37 21.10
CA ARG A 11 14.89 -0.71 20.90
C ARG A 11 14.70 -2.20 20.56
N SER A 12 13.53 -2.75 20.90
CA SER A 12 13.22 -4.12 20.69
C SER A 12 11.77 -4.26 20.31
N TYR A 13 11.32 -5.49 20.06
N TYR A 13 11.33 -5.52 20.20
CA TYR A 13 9.93 -5.73 19.63
CA TYR A 13 9.97 -5.85 19.81
C TYR A 13 8.88 -4.94 20.44
C TYR A 13 8.96 -4.93 20.48
N GLU A 14 9.07 -4.89 21.75
N GLU A 14 8.93 -4.94 21.81
CA GLU A 14 8.10 -4.26 22.63
CA GLU A 14 7.92 -4.22 22.56
C GLU A 14 7.91 -2.77 22.30
C GLU A 14 7.87 -2.74 22.19
N ASP A 15 9.01 -2.12 21.95
CA ASP A 15 8.97 -0.69 21.58
C ASP A 15 8.13 -0.50 20.32
N PHE A 16 8.37 -1.34 19.33
CA PHE A 16 7.67 -1.23 18.04
C PHE A 16 6.20 -1.63 18.17
N GLN A 17 5.90 -2.61 19.04
N GLN A 17 5.94 -2.63 19.02
CA GLN A 17 4.50 -2.96 19.30
CA GLN A 17 4.55 -2.97 19.28
C GLN A 17 3.72 -1.77 19.90
C GLN A 17 3.80 -1.77 19.88
N LYS A 18 4.39 -0.97 20.73
N LYS A 18 4.49 -0.98 20.73
CA LYS A 18 3.74 0.22 21.23
CA LYS A 18 3.91 0.26 21.26
C LYS A 18 3.50 1.29 20.18
C LYS A 18 3.49 1.21 20.15
N VAL A 19 4.38 1.41 19.19
CA VAL A 19 4.13 2.28 18.06
C VAL A 19 2.98 1.79 17.23
N TYR A 20 3.03 0.48 16.90
CA TYR A 20 1.92 -0.18 16.22
C TYR A 20 0.58 0.13 16.95
N ASN A 21 0.58 -0.07 18.27
CA ASN A 21 -0.63 0.11 19.04
C ASN A 21 -1.12 1.55 18.95
N ALA A 22 -0.21 2.51 19.02
CA ALA A 22 -0.61 3.92 18.92
C ALA A 22 -1.22 4.23 17.54
N ILE A 23 -0.63 3.70 16.47
CA ILE A 23 -1.21 3.85 15.15
C ILE A 23 -2.59 3.20 15.12
N ALA A 24 -2.68 1.96 15.63
CA ALA A 24 -3.92 1.23 15.56
C ALA A 24 -5.04 1.91 16.34
N LEU A 25 -4.68 2.46 17.51
CA LEU A 25 -5.70 3.13 18.34
C LEU A 25 -6.19 4.44 17.66
N LYS A 26 -5.30 5.12 16.98
CA LYS A 26 -5.65 6.31 16.25
C LYS A 26 -6.48 5.98 15.02
N LEU A 27 -6.22 4.85 14.36
N LEU A 27 -6.20 4.86 14.35
CA LEU A 27 -7.04 4.39 13.25
CA LEU A 27 -7.05 4.38 13.27
C LEU A 27 -8.49 4.11 13.70
C LEU A 27 -8.49 4.25 13.77
N ARG A 28 -8.60 3.58 14.93
N ARG A 28 -8.63 3.59 14.92
CA ARG A 28 -9.88 3.37 15.55
CA ARG A 28 -9.96 3.38 15.51
C ARG A 28 -10.55 4.73 15.87
C ARG A 28 -10.63 4.71 15.91
N GLU A 29 -9.80 5.68 16.44
N GLU A 29 -9.82 5.66 16.42
CA GLU A 29 -10.39 6.93 16.95
CA GLU A 29 -10.29 6.97 16.98
C GLU A 29 -10.86 7.80 15.81
C GLU A 29 -10.70 8.00 15.91
N ASP A 30 -10.00 7.95 14.80
CA ASP A 30 -10.19 8.92 13.75
C ASP A 30 -11.01 8.30 12.61
N ASP A 31 -12.25 7.97 12.95
N ASP A 31 -12.22 7.83 12.93
CA ASP A 31 -13.11 7.17 12.10
CA ASP A 31 -12.98 6.94 12.02
C ASP A 31 -13.75 7.94 10.95
C ASP A 31 -13.85 7.66 11.00
N GLU A 32 -13.93 9.26 11.12
N GLU A 32 -13.91 8.98 11.08
CA GLU A 32 -14.71 10.06 10.18
CA GLU A 32 -14.75 9.72 10.17
C GLU A 32 -14.04 10.34 8.87
C GLU A 32 -14.08 10.10 8.84
N TYR A 33 -12.73 10.10 8.79
CA TYR A 33 -11.96 10.50 7.64
C TYR A 33 -12.46 9.85 6.35
N ASP A 34 -12.58 10.66 5.30
CA ASP A 34 -12.95 10.21 3.97
C ASP A 34 -14.30 9.49 4.01
N ASN A 35 -15.31 10.21 4.49
CA ASN A 35 -16.66 9.69 4.60
CA ASN A 35 -16.67 9.65 4.59
C ASN A 35 -16.70 8.31 5.27
N TYR A 36 -16.00 8.22 6.41
N TYR A 36 -15.97 8.21 6.38
CA TYR A 36 -15.99 7.04 7.29
CA TYR A 36 -15.94 7.03 7.27
C TYR A 36 -15.31 5.83 6.74
C TYR A 36 -15.24 5.83 6.71
N ILE A 37 -14.49 6.02 5.71
N ILE A 37 -14.45 6.02 5.66
CA ILE A 37 -13.55 4.97 5.35
CA ILE A 37 -13.48 4.98 5.30
C ILE A 37 -12.49 4.83 6.45
C ILE A 37 -12.44 4.84 6.41
N GLY A 38 -12.04 5.93 7.03
CA GLY A 38 -10.97 5.91 7.93
C GLY A 38 -9.62 5.95 7.19
N TYR A 39 -8.54 6.04 7.98
CA TYR A 39 -7.22 6.24 7.43
C TYR A 39 -6.49 5.00 6.94
N GLY A 40 -7.10 3.82 7.11
CA GLY A 40 -6.38 2.61 6.74
C GLY A 40 -5.87 2.58 5.30
N PRO A 41 -6.77 2.80 4.34
CA PRO A 41 -6.32 2.76 2.95
C PRO A 41 -5.23 3.74 2.62
N VAL A 42 -5.38 5.00 3.04
CA VAL A 42 -4.37 5.98 2.71
C VAL A 42 -3.03 5.64 3.33
N LEU A 43 -3.00 5.03 4.50
N LEU A 43 -3.04 5.03 4.51
CA LEU A 43 -1.73 4.64 5.05
CA LEU A 43 -1.78 4.60 5.13
C LEU A 43 -1.06 3.50 4.26
C LEU A 43 -1.07 3.45 4.37
N VAL A 44 -1.86 2.57 3.75
CA VAL A 44 -1.32 1.54 2.87
C VAL A 44 -0.72 2.14 1.64
N ARG A 45 -1.46 3.09 1.03
CA ARG A 45 -0.93 3.76 -0.15
CA ARG A 45 -0.98 3.81 -0.16
C ARG A 45 0.32 4.54 0.14
N LEU A 46 0.37 5.19 1.30
CA LEU A 46 1.59 5.91 1.71
C LEU A 46 2.77 5.00 1.79
N ALA A 47 2.61 3.85 2.46
CA ALA A 47 3.72 2.90 2.59
C ALA A 47 4.23 2.42 1.23
N TRP A 48 3.29 2.18 0.32
CA TRP A 48 3.63 1.83 -1.04
C TRP A 48 4.35 2.92 -1.77
N HIS A 49 3.86 4.16 -1.73
CA HIS A 49 4.50 5.23 -2.45
C HIS A 49 5.88 5.61 -1.93
N ILE A 50 6.12 5.48 -0.64
CA ILE A 50 7.44 5.76 -0.14
C ILE A 50 8.43 4.67 -0.49
N SER A 51 7.92 3.47 -0.76
CA SER A 51 8.74 2.34 -1.18
C SER A 51 8.92 2.28 -2.68
N GLY A 52 7.89 2.66 -3.42
CA GLY A 52 7.84 2.49 -4.85
C GLY A 52 8.68 3.41 -5.70
N THR A 53 9.36 4.35 -5.04
CA THR A 53 10.41 5.11 -5.70
C THR A 53 11.70 4.39 -5.96
N TRP A 54 11.84 3.16 -5.40
CA TRP A 54 13.06 2.43 -5.50
C TRP A 54 13.42 2.08 -6.96
N ASP A 55 14.72 2.12 -7.20
CA ASP A 55 15.25 1.66 -8.47
C ASP A 55 16.32 0.60 -8.20
N LYS A 56 16.05 -0.68 -8.57
CA LYS A 56 16.99 -1.73 -8.30
C LYS A 56 18.36 -1.53 -8.96
N HIS A 57 18.41 -0.72 -10.02
CA HIS A 57 19.69 -0.57 -10.76
C HIS A 57 20.77 0.15 -9.99
N ASP A 58 20.37 1.12 -9.18
CA ASP A 58 21.32 1.98 -8.46
C ASP A 58 21.01 2.16 -6.98
N ASN A 59 19.93 1.51 -6.51
CA ASN A 59 19.47 1.64 -5.14
C ASN A 59 19.18 3.04 -4.71
N THR A 60 18.68 3.82 -5.65
CA THR A 60 18.12 5.11 -5.32
C THR A 60 16.64 4.93 -4.93
N GLY A 61 16.08 5.91 -4.23
CA GLY A 61 14.71 5.82 -3.74
C GLY A 61 14.62 4.73 -2.70
N GLY A 62 13.39 4.26 -2.50
CA GLY A 62 13.08 3.22 -1.54
C GLY A 62 12.73 3.76 -0.18
N SER A 63 12.23 2.90 0.70
CA SER A 63 11.74 3.34 1.99
C SER A 63 12.82 3.76 2.99
N TYR A 64 14.06 3.33 2.78
CA TYR A 64 15.09 3.45 3.80
C TYR A 64 15.25 4.85 4.36
N GLY A 65 15.36 5.85 3.48
CA GLY A 65 15.77 7.19 3.88
C GLY A 65 14.69 8.08 4.39
N GLY A 66 13.42 7.66 4.34
CA GLY A 66 12.36 8.50 4.84
C GLY A 66 12.16 9.79 4.09
N THR A 67 12.49 9.80 2.81
CA THR A 67 12.60 11.05 2.09
C THR A 67 11.29 11.71 1.70
N TYR A 68 10.18 11.06 1.91
CA TYR A 68 8.86 11.64 1.71
C TYR A 68 8.69 12.85 2.61
N ARG A 69 9.43 12.95 3.69
CA ARG A 69 9.34 14.15 4.55
C ARG A 69 9.80 15.44 3.90
N PHE A 70 10.48 15.33 2.75
CA PHE A 70 11.06 16.48 2.07
C PHE A 70 10.15 16.94 0.95
N LYS A 71 10.06 18.26 0.77
N LYS A 71 10.09 18.26 0.78
CA LYS A 71 9.06 18.86 -0.13
CA LYS A 71 9.17 18.91 -0.17
C LYS A 71 9.06 18.28 -1.56
C LYS A 71 9.07 18.26 -1.54
N LYS A 72 10.23 17.97 -2.13
CA LYS A 72 10.23 17.50 -3.49
C LYS A 72 9.31 16.25 -3.63
N GLU A 73 9.45 15.34 -2.67
N GLU A 73 9.46 15.32 -2.71
CA GLU A 73 8.75 14.07 -2.68
CA GLU A 73 8.72 14.09 -2.78
C GLU A 73 7.33 14.24 -2.19
C GLU A 73 7.30 14.26 -2.23
N PHE A 74 7.13 15.00 -1.12
CA PHE A 74 5.74 15.05 -0.68
CA PHE A 74 5.82 15.27 -0.53
C PHE A 74 4.90 15.88 -1.63
N ASN A 75 5.53 16.73 -2.44
N ASN A 75 5.46 16.77 -2.47
CA ASN A 75 4.82 17.48 -3.46
CA ASN A 75 4.67 17.46 -3.49
C ASN A 75 4.68 16.78 -4.82
C ASN A 75 4.73 16.80 -4.86
N ASP A 76 5.20 15.55 -4.92
CA ASP A 76 5.08 14.78 -6.19
C ASP A 76 3.60 14.70 -6.55
N PRO A 77 3.21 15.08 -7.79
CA PRO A 77 1.80 14.90 -8.16
C PRO A 77 1.29 13.47 -7.95
N SER A 78 2.16 12.47 -8.08
CA SER A 78 1.77 11.07 -7.85
C SER A 78 1.39 10.82 -6.40
N ASN A 79 1.85 11.68 -5.49
CA ASN A 79 1.57 11.58 -4.08
C ASN A 79 0.38 12.44 -3.56
N ALA A 80 -0.38 13.03 -4.48
CA ALA A 80 -1.44 13.87 -4.04
C ALA A 80 -2.45 13.13 -3.21
N GLY A 81 -2.77 13.65 -2.06
CA GLY A 81 -3.65 13.04 -1.07
C GLY A 81 -2.94 12.33 0.07
N LEU A 82 -1.68 11.97 -0.12
CA LEU A 82 -0.95 11.26 0.92
C LEU A 82 -0.58 12.13 2.09
N GLN A 83 -0.67 13.44 1.89
CA GLN A 83 -0.48 14.36 3.00
C GLN A 83 -1.41 14.07 4.15
N ASN A 84 -2.59 13.51 3.86
CA ASN A 84 -3.50 13.11 4.89
C ASN A 84 -2.92 12.01 5.79
N GLY A 85 -2.26 11.04 5.16
CA GLY A 85 -1.58 10.00 5.91
C GLY A 85 -0.42 10.52 6.71
N PHE A 86 0.33 11.45 6.14
CA PHE A 86 1.46 12.06 6.84
C PHE A 86 0.96 12.81 8.08
N LYS A 87 -0.13 13.54 7.95
N LYS A 87 -0.12 13.56 7.91
CA LYS A 87 -0.63 14.30 9.09
CA LYS A 87 -0.75 14.29 9.02
C LYS A 87 -1.24 13.39 10.17
C LYS A 87 -1.08 13.31 10.14
N PHE A 88 -1.79 12.23 9.76
CA PHE A 88 -2.20 11.23 10.72
C PHE A 88 -0.99 10.72 11.55
N LEU A 89 0.12 10.50 10.88
CA LEU A 89 1.27 9.93 11.57
C LEU A 89 2.07 10.96 12.41
N GLU A 90 1.89 12.27 12.20
N GLU A 90 1.80 12.24 12.18
CA GLU A 90 2.69 13.26 12.95
CA GLU A 90 2.51 13.30 12.87
C GLU A 90 2.55 13.12 14.47
C GLU A 90 2.51 13.15 14.36
N PRO A 91 1.33 12.97 15.00
CA PRO A 91 1.33 12.83 16.46
C PRO A 91 1.96 11.54 16.94
N ILE A 92 1.98 10.53 16.09
CA ILE A 92 2.66 9.27 16.42
C ILE A 92 4.17 9.54 16.49
N HIS A 93 4.68 10.23 15.48
N HIS A 93 4.67 10.26 15.45
CA HIS A 93 6.10 10.55 15.54
CA HIS A 93 6.07 10.76 15.36
C HIS A 93 6.47 11.42 16.75
C HIS A 93 6.45 11.61 16.56
N LYS A 94 5.61 12.37 17.07
N LYS A 94 5.51 12.41 17.06
CA LYS A 94 5.83 13.23 18.25
CA LYS A 94 5.80 13.22 18.26
C LYS A 94 5.86 12.43 19.56
C LYS A 94 5.89 12.40 19.53
N GLU A 95 5.02 11.40 19.66
CA GLU A 95 5.05 10.55 20.82
C GLU A 95 6.26 9.64 20.86
N PHE A 96 6.73 9.21 19.69
CA PHE A 96 7.81 8.25 19.55
C PHE A 96 8.88 8.86 18.66
N PRO A 97 9.58 9.89 19.16
CA PRO A 97 10.49 10.59 18.29
C PRO A 97 11.73 9.83 17.88
N TRP A 98 11.94 8.69 18.53
CA TRP A 98 13.05 7.84 18.26
C TRP A 98 12.90 6.97 17.00
N ILE A 99 11.70 6.80 16.51
CA ILE A 99 11.52 5.92 15.34
C ILE A 99 11.89 6.71 14.09
N SER A 100 12.61 6.12 13.15
CA SER A 100 12.94 6.75 11.93
C SER A 100 11.72 6.98 11.06
N SER A 101 11.81 7.95 10.13
CA SER A 101 10.71 8.24 9.30
C SER A 101 10.33 7.03 8.41
N GLY A 102 11.31 6.43 7.74
CA GLY A 102 11.01 5.27 6.95
C GLY A 102 10.39 4.11 7.76
N ASP A 103 10.86 3.91 8.96
CA ASP A 103 10.25 2.90 9.80
C ASP A 103 8.84 3.26 10.12
N LEU A 104 8.58 4.54 10.43
CA LEU A 104 7.20 4.94 10.74
C LEU A 104 6.29 4.81 9.55
N PHE A 105 6.68 5.28 8.39
CA PHE A 105 5.80 5.24 7.24
C PHE A 105 5.48 3.78 6.86
N SER A 106 6.51 2.94 6.85
CA SER A 106 6.30 1.54 6.48
C SER A 106 5.46 0.80 7.56
N LEU A 107 5.74 1.08 8.82
CA LEU A 107 4.95 0.48 9.90
C LEU A 107 3.51 0.93 9.82
N GLY A 108 3.25 2.18 9.41
CA GLY A 108 1.88 2.59 9.25
C GLY A 108 1.12 1.73 8.27
N GLY A 109 1.75 1.36 7.18
CA GLY A 109 1.12 0.45 6.23
C GLY A 109 0.87 -0.96 6.73
N VAL A 110 1.88 -1.51 7.42
N VAL A 110 1.83 -1.50 7.46
CA VAL A 110 1.75 -2.81 8.13
CA VAL A 110 1.64 -2.82 8.03
C VAL A 110 0.51 -2.76 9.03
C VAL A 110 0.54 -2.80 9.11
N THR A 111 0.48 -1.73 9.93
CA THR A 111 -0.54 -1.64 10.96
C THR A 111 -1.88 -1.55 10.29
N ALA A 112 -2.01 -0.71 9.25
CA ALA A 112 -3.25 -0.55 8.56
C ALA A 112 -3.75 -1.89 7.98
N VAL A 113 -2.89 -2.57 7.23
CA VAL A 113 -3.29 -3.86 6.66
C VAL A 113 -3.82 -4.83 7.76
N GLN A 114 -3.06 -4.94 8.84
CA GLN A 114 -3.43 -5.90 9.85
C GLN A 114 -4.70 -5.49 10.57
N GLU A 115 -4.85 -4.21 10.88
CA GLU A 115 -6.02 -3.75 11.64
C GLU A 115 -7.27 -3.83 10.75
N MET A 116 -7.11 -3.75 9.44
CA MET A 116 -8.20 -3.96 8.50
C MET A 116 -8.47 -5.46 8.19
N GLN A 117 -7.95 -6.33 9.04
CA GLN A 117 -8.23 -7.78 8.96
C GLN A 117 -7.51 -8.45 7.84
N GLY A 118 -6.41 -7.84 7.38
CA GLY A 118 -5.57 -8.43 6.38
C GLY A 118 -4.61 -9.45 6.98
N PRO A 119 -3.70 -9.93 6.14
CA PRO A 119 -2.70 -10.88 6.67
C PRO A 119 -1.72 -10.20 7.62
N LYS A 120 -1.07 -10.97 8.47
N LYS A 120 -1.04 -10.97 8.44
CA LYS A 120 0.09 -10.52 9.17
CA LYS A 120 0.11 -10.54 9.18
C LYS A 120 1.15 -10.18 8.11
C LYS A 120 1.23 -10.26 8.22
N ILE A 121 1.85 -9.08 8.36
CA ILE A 121 2.97 -8.68 7.54
C ILE A 121 4.18 -8.57 8.42
N PRO A 122 5.14 -9.49 8.36
CA PRO A 122 6.35 -9.34 9.13
C PRO A 122 7.03 -8.00 8.76
N TRP A 123 7.65 -7.36 9.74
CA TRP A 123 8.21 -6.02 9.54
C TRP A 123 9.54 -5.97 10.29
N ARG A 124 10.52 -5.32 9.63
CA ARG A 124 11.82 -5.17 10.20
C ARG A 124 12.10 -3.68 10.41
N CYS A 125 12.75 -3.38 11.52
CA CYS A 125 13.19 -2.03 11.82
C CYS A 125 14.56 -1.75 11.25
N GLY A 126 14.94 -0.48 11.36
CA GLY A 126 16.31 -0.06 11.07
C GLY A 126 16.54 0.80 9.87
N ARG A 127 15.48 1.29 9.24
CA ARG A 127 15.64 2.36 8.24
C ARG A 127 16.18 3.60 8.95
N VAL A 128 17.06 4.34 8.27
CA VAL A 128 17.73 5.53 8.84
C VAL A 128 17.48 6.72 7.95
N ASP A 129 17.01 7.81 8.53
CA ASP A 129 16.75 9.02 7.77
C ASP A 129 18.03 9.46 7.03
N THR A 130 17.86 9.83 5.76
CA THR A 130 18.96 10.31 4.92
C THR A 130 18.62 11.76 4.53
N PRO A 131 19.64 12.52 4.08
CA PRO A 131 19.43 13.95 3.84
C PRO A 131 18.59 14.36 2.66
N GLU A 132 18.23 15.63 2.57
CA GLU A 132 17.34 16.07 1.55
C GLU A 132 17.86 15.79 0.14
N ASP A 133 19.18 15.86 -0.06
CA ASP A 133 19.70 15.56 -1.37
C ASP A 133 19.58 14.13 -1.83
N THR A 134 19.13 13.22 -0.98
CA THR A 134 18.95 11.84 -1.36
C THR A 134 17.49 11.57 -1.82
N THR A 135 16.64 12.61 -1.83
CA THR A 135 15.24 12.46 -2.21
C THR A 135 15.18 12.19 -3.70
N PRO A 136 14.48 11.13 -4.10
CA PRO A 136 14.36 10.85 -5.54
C PRO A 136 13.51 11.87 -6.25
N ASP A 137 13.82 12.15 -7.49
CA ASP A 137 12.96 13.00 -8.32
C ASP A 137 11.59 12.38 -8.51
N ASN A 138 10.62 13.25 -8.78
CA ASN A 138 9.28 12.84 -9.11
C ASN A 138 9.31 12.02 -10.41
N GLY A 139 8.29 11.20 -10.61
CA GLY A 139 8.12 10.46 -11.87
C GLY A 139 8.42 8.98 -11.79
N ARG A 140 8.75 8.47 -10.60
CA ARG A 140 9.10 7.05 -10.44
C ARG A 140 7.91 6.20 -10.11
N LEU A 141 6.78 6.77 -9.75
CA LEU A 141 5.56 6.04 -9.44
C LEU A 141 4.75 5.82 -10.69
N PRO A 142 3.91 4.78 -10.75
CA PRO A 142 3.33 4.37 -12.03
C PRO A 142 2.14 5.21 -12.49
N ASP A 143 1.98 5.31 -13.78
CA ASP A 143 0.77 5.84 -14.41
C ASP A 143 -0.38 4.85 -14.41
N ALA A 144 -1.59 5.34 -14.33
CA ALA A 144 -2.85 4.57 -14.28
C ALA A 144 -3.50 4.31 -15.63
N ASP A 145 -3.13 5.05 -16.66
N ASP A 145 -3.11 5.10 -16.62
CA ASP A 145 -3.83 5.01 -17.94
CA ASP A 145 -3.69 5.08 -17.96
C ASP A 145 -3.30 4.01 -18.97
C ASP A 145 -2.86 4.29 -18.96
N LYS A 146 -2.44 3.12 -18.54
CA LYS A 146 -1.58 2.29 -19.32
C LYS A 146 -2.07 0.83 -19.31
N ASP A 147 -1.37 -0.02 -20.04
CA ASP A 147 -1.74 -1.40 -20.30
C ASP A 147 -0.88 -2.38 -19.53
N ALA A 148 -1.12 -3.68 -19.77
CA ALA A 148 -0.47 -4.71 -19.02
C ALA A 148 1.04 -4.71 -19.23
N GLY A 149 1.44 -4.42 -20.48
CA GLY A 149 2.87 -4.42 -20.76
C GLY A 149 3.62 -3.32 -20.02
N TYR A 150 2.96 -2.16 -19.89
CA TYR A 150 3.50 -1.10 -19.07
C TYR A 150 3.65 -1.52 -17.61
N VAL A 151 2.62 -2.15 -17.05
N VAL A 151 2.60 -2.16 -17.10
CA VAL A 151 2.69 -2.56 -15.62
CA VAL A 151 2.55 -2.62 -15.71
C VAL A 151 3.81 -3.57 -15.41
C VAL A 151 3.72 -3.58 -15.43
N ARG A 152 3.90 -4.54 -16.34
CA ARG A 152 4.90 -5.57 -16.21
C ARG A 152 6.31 -4.95 -16.21
N THR A 153 6.55 -4.10 -17.20
CA THR A 153 7.85 -3.46 -17.31
C THR A 153 8.13 -2.54 -16.12
N PHE A 154 7.08 -1.79 -15.71
N PHE A 154 7.11 -1.79 -15.71
CA PHE A 154 7.20 -0.83 -14.59
CA PHE A 154 7.27 -0.84 -14.60
C PHE A 154 7.72 -1.54 -13.32
C PHE A 154 7.83 -1.60 -13.36
N PHE A 155 7.12 -2.70 -13.03
CA PHE A 155 7.41 -3.43 -11.81
C PHE A 155 8.72 -4.21 -11.85
N GLN A 156 9.27 -4.43 -13.04
N GLN A 156 9.29 -4.44 -13.04
CA GLN A 156 10.61 -4.99 -13.11
CA GLN A 156 10.65 -4.99 -13.07
C GLN A 156 11.62 -4.09 -12.42
C GLN A 156 11.64 -4.08 -12.36
N ARG A 157 11.37 -2.77 -12.37
N ARG A 157 11.47 -2.76 -12.43
CA ARG A 157 12.28 -1.85 -11.72
CA ARG A 157 12.38 -1.85 -11.76
C ARG A 157 12.36 -2.10 -10.21
C ARG A 157 12.39 -1.99 -10.22
N LEU A 158 11.22 -2.51 -9.64
N LEU A 158 11.26 -2.56 -9.72
CA LEU A 158 11.09 -2.86 -8.25
CA LEU A 158 10.98 -2.85 -8.33
C LEU A 158 11.27 -4.35 -8.01
C LEU A 158 11.34 -4.33 -7.97
N ASN A 159 11.88 -5.05 -8.96
CA ASN A 159 12.19 -6.47 -8.82
C ASN A 159 10.99 -7.29 -8.48
N MET A 160 9.82 -6.98 -9.05
CA MET A 160 8.59 -7.76 -8.84
C MET A 160 8.21 -8.47 -10.09
N ASN A 161 7.84 -9.75 -9.91
CA ASN A 161 7.40 -10.63 -11.00
C ASN A 161 5.88 -10.61 -11.15
N ASP A 162 5.32 -11.39 -12.08
CA ASP A 162 3.92 -11.32 -12.34
C ASP A 162 3.12 -11.59 -11.10
N ARG A 163 3.43 -12.68 -10.39
CA ARG A 163 2.65 -13.03 -9.22
CA ARG A 163 2.71 -13.06 -9.19
C ARG A 163 2.71 -11.92 -8.17
N GLU A 164 3.87 -11.37 -7.96
CA GLU A 164 4.00 -10.31 -6.98
C GLU A 164 3.20 -9.06 -7.37
N VAL A 165 3.27 -8.69 -8.65
N VAL A 165 3.21 -8.72 -8.62
CA VAL A 165 2.43 -7.59 -9.23
CA VAL A 165 2.44 -7.56 -9.07
C VAL A 165 0.99 -7.82 -8.84
C VAL A 165 0.94 -7.78 -8.94
N VAL A 166 0.47 -8.99 -9.29
CA VAL A 166 -0.95 -9.24 -9.16
C VAL A 166 -1.35 -9.25 -7.70
N ALA A 167 -0.53 -9.85 -6.84
CA ALA A 167 -0.80 -9.88 -5.41
C ALA A 167 -0.86 -8.45 -4.86
N LEU A 168 0.17 -7.65 -5.14
CA LEU A 168 0.20 -6.27 -4.59
C LEU A 168 -1.02 -5.48 -5.01
N MET A 169 -1.45 -5.67 -6.25
N MET A 169 -1.47 -5.66 -6.24
N MET A 169 -1.47 -5.64 -6.24
CA MET A 169 -2.58 -4.91 -6.80
CA MET A 169 -2.57 -4.85 -6.77
CA MET A 169 -2.54 -4.81 -6.73
C MET A 169 -3.83 -5.13 -5.98
C MET A 169 -3.90 -5.21 -6.11
C MET A 169 -3.89 -5.19 -6.09
N GLY A 170 -3.94 -6.29 -5.34
CA GLY A 170 -5.11 -6.57 -4.52
C GLY A 170 -5.40 -5.56 -3.46
N ALA A 171 -4.44 -4.72 -3.10
N ALA A 171 -4.41 -4.74 -3.14
CA ALA A 171 -4.72 -3.58 -2.22
CA ALA A 171 -4.63 -3.59 -2.26
C ALA A 171 -5.76 -2.63 -2.79
C ALA A 171 -5.67 -2.63 -2.83
N HIS A 172 -6.03 -2.69 -4.08
N HIS A 172 -5.94 -2.69 -4.13
CA HIS A 172 -7.05 -1.85 -4.69
CA HIS A 172 -6.96 -1.86 -4.74
C HIS A 172 -8.47 -2.29 -4.36
C HIS A 172 -8.38 -2.29 -4.40
N ALA A 173 -8.61 -3.31 -3.51
N ALA A 173 -8.53 -3.30 -3.55
CA ALA A 173 -9.86 -3.52 -2.80
CA ALA A 173 -9.78 -3.52 -2.84
C ALA A 173 -10.15 -2.44 -1.78
C ALA A 173 -10.11 -2.46 -1.81
N LEU A 174 -9.12 -1.70 -1.39
CA LEU A 174 -9.25 -0.74 -0.27
C LEU A 174 -9.53 0.69 -0.77
N GLY A 175 -10.36 1.40 -0.03
CA GLY A 175 -10.44 2.83 -0.20
C GLY A 175 -11.13 3.18 -1.52
N LYS A 176 -10.70 4.29 -2.10
CA LYS A 176 -11.31 4.81 -3.33
C LYS A 176 -10.36 5.74 -4.04
N THR A 177 -10.68 6.02 -5.27
CA THR A 177 -9.99 7.10 -6.01
C THR A 177 -10.75 8.41 -5.79
N HIS A 178 -10.01 9.50 -5.83
CA HIS A 178 -10.58 10.84 -5.59
C HIS A 178 -10.18 11.73 -6.74
N LEU A 179 -11.20 12.32 -7.40
CA LEU A 179 -10.92 13.05 -8.62
C LEU A 179 -9.80 14.13 -8.47
N LYS A 180 -9.83 14.86 -7.36
N LYS A 180 -9.86 14.86 -7.35
CA LYS A 180 -8.89 15.94 -7.18
CA LYS A 180 -8.94 15.95 -7.10
C LYS A 180 -7.49 15.49 -6.81
C LYS A 180 -7.50 15.46 -6.93
N ASN A 181 -7.33 14.21 -6.44
CA ASN A 181 -5.99 13.68 -6.22
C ASN A 181 -5.36 13.19 -7.53
N SER A 182 -6.11 12.36 -8.27
CA SER A 182 -5.53 11.55 -9.32
C SER A 182 -6.20 11.67 -10.68
N GLY A 183 -7.35 12.34 -10.74
CA GLY A 183 -8.09 12.34 -11.98
C GLY A 183 -8.94 11.12 -12.24
N TYR A 184 -9.18 10.34 -11.17
CA TYR A 184 -10.06 9.16 -11.17
C TYR A 184 -11.01 9.29 -10.02
N GLU A 185 -12.23 8.79 -10.18
CA GLU A 185 -13.23 8.87 -9.12
C GLU A 185 -13.98 7.59 -8.93
N GLY A 186 -14.07 7.18 -7.68
CA GLY A 186 -14.96 6.09 -7.33
C GLY A 186 -14.26 4.92 -6.71
N GLY A 187 -15.03 3.89 -6.47
CA GLY A 187 -14.53 2.70 -5.83
C GLY A 187 -15.40 2.25 -4.70
N GLY A 188 -15.03 1.12 -4.09
CA GLY A 188 -15.87 0.49 -3.11
C GLY A 188 -15.92 1.16 -1.73
N ALA A 189 -14.99 2.02 -1.44
CA ALA A 189 -14.93 2.67 -0.15
C ALA A 189 -14.77 1.67 0.99
N ASN A 190 -14.11 0.54 0.71
N ASN A 190 -14.09 0.58 0.73
CA ASN A 190 -13.92 -0.53 1.72
CA ASN A 190 -14.01 -0.51 1.69
C ASN A 190 -12.77 -0.25 2.63
C ASN A 190 -12.76 -0.36 2.59
N ASN A 191 -12.91 -0.64 3.88
CA ASN A 191 -11.86 -0.59 4.85
C ASN A 191 -11.59 -1.92 5.55
N VAL A 192 -11.99 -3.00 4.86
CA VAL A 192 -11.69 -4.38 5.29
C VAL A 192 -10.87 -4.99 4.14
N PHE A 193 -9.78 -5.60 4.52
N PHE A 193 -9.73 -5.58 4.50
CA PHE A 193 -8.86 -6.21 3.55
CA PHE A 193 -8.79 -6.19 3.52
C PHE A 193 -9.33 -7.62 3.22
C PHE A 193 -9.26 -7.61 3.16
N THR A 194 -9.70 -7.86 1.99
N THR A 194 -9.58 -7.81 1.89
CA THR A 194 -10.06 -9.18 1.50
CA THR A 194 -10.18 -9.03 1.32
C THR A 194 -9.52 -9.33 0.08
C THR A 194 -9.56 -9.26 -0.05
N ASN A 195 -9.90 -10.42 -0.58
N ASN A 195 -9.82 -10.43 -0.63
CA ASN A 195 -9.59 -10.70 -1.97
CA ASN A 195 -9.51 -10.71 -2.01
C ASN A 195 -10.66 -10.19 -2.96
C ASN A 195 -10.58 -10.18 -2.99
N GLU A 196 -11.46 -9.22 -2.55
N GLU A 196 -11.39 -9.22 -2.55
CA GLU A 196 -12.55 -8.81 -3.44
CA GLU A 196 -12.51 -8.71 -3.34
C GLU A 196 -12.12 -7.99 -4.68
C GLU A 196 -12.07 -8.11 -4.69
N PHE A 197 -10.86 -7.54 -4.75
CA PHE A 197 -10.41 -6.93 -6.01
C PHE A 197 -10.55 -7.90 -7.17
N TYR A 198 -10.10 -9.15 -6.89
CA TYR A 198 -10.05 -10.19 -7.91
C TYR A 198 -11.46 -10.67 -8.28
N LEU A 199 -12.27 -10.88 -7.23
N LEU A 199 -12.31 -10.88 -7.28
CA LEU A 199 -13.65 -11.23 -7.44
CA LEU A 199 -13.67 -11.28 -7.61
C LEU A 199 -14.38 -10.20 -8.32
C LEU A 199 -14.44 -10.19 -8.31
N ASN A 200 -14.18 -8.94 -7.97
CA ASN A 200 -14.83 -7.85 -8.71
C ASN A 200 -14.35 -7.83 -10.18
N LEU A 201 -13.03 -7.97 -10.36
CA LEU A 201 -12.55 -8.02 -11.72
C LEU A 201 -13.27 -9.05 -12.57
N LEU A 202 -13.41 -10.28 -11.99
CA LEU A 202 -13.98 -11.40 -12.74
C LEU A 202 -15.48 -11.37 -12.87
N ASN A 203 -16.16 -10.82 -11.87
CA ASN A 203 -17.61 -11.05 -11.77
C ASN A 203 -18.45 -9.83 -12.16
N GLU A 204 -17.91 -8.62 -12.08
CA GLU A 204 -18.72 -7.44 -12.38
C GLU A 204 -18.85 -7.24 -13.88
N ASP A 205 -19.90 -6.51 -14.24
N ASP A 205 -19.87 -6.49 -14.26
CA ASP A 205 -20.14 -6.11 -15.65
CA ASP A 205 -20.09 -6.15 -15.70
C ASP A 205 -19.48 -4.75 -15.76
C ASP A 205 -19.55 -4.73 -15.99
N TRP A 206 -18.31 -4.68 -16.42
CA TRP A 206 -17.51 -3.47 -16.50
C TRP A 206 -17.81 -2.72 -17.76
N LYS A 207 -17.89 -1.40 -17.62
CA LYS A 207 -18.07 -0.50 -18.77
CA LYS A 207 -18.14 -0.44 -18.71
C LYS A 207 -17.00 0.57 -18.76
N LEU A 208 -16.41 0.77 -19.93
CA LEU A 208 -15.35 1.73 -20.08
C LEU A 208 -15.94 3.13 -20.29
N GLU A 209 -15.78 3.99 -19.32
CA GLU A 209 -16.48 5.30 -19.32
C GLU A 209 -15.46 6.39 -19.14
N LYS A 210 -15.87 7.62 -19.45
N LYS A 210 -15.87 7.63 -19.45
CA LYS A 210 -15.06 8.77 -19.12
CA LYS A 210 -15.05 8.77 -19.12
C LYS A 210 -15.58 9.45 -17.89
C LYS A 210 -15.58 9.44 -17.89
N ASN A 211 -14.67 9.78 -17.00
CA ASN A 211 -15.02 10.46 -15.75
C ASN A 211 -15.01 11.98 -15.95
N ASP A 212 -15.25 12.72 -14.87
CA ASP A 212 -15.40 14.18 -15.01
C ASP A 212 -14.08 14.91 -15.23
N ALA A 213 -12.95 14.20 -15.14
CA ALA A 213 -11.64 14.72 -15.52
C ALA A 213 -11.25 14.34 -16.92
N ASN A 214 -12.18 13.72 -17.67
CA ASN A 214 -11.96 13.33 -19.07
C ASN A 214 -10.97 12.14 -19.19
N ASN A 215 -10.83 11.35 -18.11
CA ASN A 215 -10.03 10.12 -18.17
C ASN A 215 -10.91 8.92 -18.23
N GLU A 216 -10.42 7.90 -18.94
CA GLU A 216 -11.14 6.62 -18.96
C GLU A 216 -10.91 5.76 -17.72
N GLN A 217 -12.01 5.16 -17.27
CA GLN A 217 -11.96 4.17 -16.18
C GLN A 217 -13.08 3.19 -16.40
N TRP A 218 -12.94 2.00 -15.78
CA TRP A 218 -13.91 0.96 -15.90
C TRP A 218 -14.83 1.02 -14.68
N ASP A 219 -16.13 1.07 -14.93
CA ASP A 219 -17.12 1.26 -13.89
C ASP A 219 -18.13 0.11 -13.91
N SER A 220 -18.62 -0.25 -12.73
N SER A 220 -18.62 -0.25 -12.73
CA SER A 220 -19.75 -1.19 -12.68
CA SER A 220 -19.69 -1.24 -12.62
C SER A 220 -20.96 -0.48 -12.06
C SER A 220 -20.95 -0.61 -11.98
N LYS A 221 -22.13 -1.06 -12.26
N LYS A 221 -22.13 -1.15 -12.29
CA LYS A 221 -23.36 -0.48 -11.72
CA LYS A 221 -23.39 -0.76 -11.63
C LYS A 221 -23.41 -0.51 -10.21
C LYS A 221 -23.42 -0.94 -10.11
N SER A 222 -22.71 -1.47 -9.61
N SER A 222 -22.55 -1.81 -9.62
CA SER A 222 -22.67 -1.61 -8.16
CA SER A 222 -22.37 -1.99 -8.19
C SER A 222 -21.87 -0.55 -7.46
C SER A 222 -21.65 -0.86 -7.53
N GLY A 223 -21.11 0.24 -8.23
N GLY A 223 -21.14 0.11 -8.33
CA GLY A 223 -20.28 1.29 -7.64
CA GLY A 223 -20.35 1.23 -7.79
C GLY A 223 -18.82 0.97 -7.56
C GLY A 223 -18.83 1.07 -7.81
N TYR A 224 -18.38 -0.15 -8.15
CA TYR A 224 -16.96 -0.46 -8.18
C TYR A 224 -16.31 0.21 -9.40
N MET A 225 -14.99 0.33 -9.33
N MET A 225 -15.01 0.42 -9.33
N MET A 225 -14.99 0.29 -9.34
CA MET A 225 -14.22 0.97 -10.37
CA MET A 225 -14.28 0.91 -10.49
CA MET A 225 -14.21 0.95 -10.34
C MET A 225 -12.86 0.35 -10.47
C MET A 225 -12.90 0.31 -10.49
C MET A 225 -12.95 0.13 -10.52
N MET A 226 -12.36 0.28 -11.70
CA MET A 226 -10.99 -0.20 -11.97
C MET A 226 -10.29 0.80 -12.87
N LEU A 227 -9.05 1.11 -12.52
N LEU A 227 -9.04 1.09 -12.55
CA LEU A 227 -8.19 1.91 -13.40
CA LEU A 227 -8.18 1.86 -13.43
C LEU A 227 -7.89 1.08 -14.64
C LEU A 227 -7.87 1.06 -14.67
N PRO A 228 -7.45 1.72 -15.76
CA PRO A 228 -6.97 0.93 -16.90
C PRO A 228 -5.89 -0.08 -16.48
N THR A 229 -4.97 0.27 -15.62
CA THR A 229 -3.92 -0.67 -15.22
C THR A 229 -4.50 -1.82 -14.41
N ASP A 230 -5.54 -1.61 -13.62
CA ASP A 230 -6.19 -2.68 -12.91
C ASP A 230 -6.82 -3.65 -13.91
N TYR A 231 -7.60 -3.11 -14.83
CA TYR A 231 -8.33 -3.91 -15.78
C TYR A 231 -7.37 -4.71 -16.67
N SER A 232 -6.17 -4.20 -16.88
CA SER A 232 -5.18 -4.85 -17.67
C SER A 232 -4.82 -6.24 -17.10
N LEU A 233 -5.06 -6.46 -15.82
CA LEU A 233 -4.77 -7.77 -15.20
C LEU A 233 -5.71 -8.85 -15.67
N ILE A 234 -6.83 -8.51 -16.28
CA ILE A 234 -7.70 -9.50 -16.91
C ILE A 234 -7.62 -9.49 -18.43
N GLN A 235 -6.86 -8.56 -19.01
N GLN A 235 -6.90 -8.54 -19.01
CA GLN A 235 -6.67 -8.49 -20.45
CA GLN A 235 -6.64 -8.50 -20.43
C GLN A 235 -5.35 -9.14 -20.94
C GLN A 235 -5.48 -9.45 -20.81
N ASP A 236 -4.45 -9.43 -19.99
CA ASP A 236 -3.25 -10.17 -20.24
C ASP A 236 -3.45 -11.61 -19.75
N PRO A 237 -3.16 -12.59 -20.57
CA PRO A 237 -3.49 -13.97 -20.15
C PRO A 237 -2.68 -14.51 -18.97
N LYS A 238 -1.47 -14.02 -18.78
CA LYS A 238 -0.64 -14.43 -17.67
C LYS A 238 -1.20 -13.86 -16.36
N TYR A 239 -1.55 -12.57 -16.41
N TYR A 239 -1.45 -12.55 -16.37
CA TYR A 239 -2.11 -11.90 -15.25
CA TYR A 239 -2.04 -11.96 -15.22
C TYR A 239 -3.50 -12.43 -14.91
C TYR A 239 -3.42 -12.58 -14.91
N LEU A 240 -4.23 -12.86 -15.94
CA LEU A 240 -5.58 -13.33 -15.71
C LEU A 240 -5.57 -14.65 -14.92
N SER A 241 -4.62 -15.53 -15.24
N SER A 241 -4.64 -15.55 -15.22
CA SER A 241 -4.51 -16.81 -14.54
CA SER A 241 -4.64 -16.83 -14.51
C SER A 241 -4.37 -16.55 -13.06
C SER A 241 -4.30 -16.61 -13.02
N ILE A 242 -3.51 -15.59 -12.68
CA ILE A 242 -3.22 -15.31 -11.30
C ILE A 242 -4.40 -14.64 -10.60
N VAL A 243 -5.07 -13.70 -11.32
CA VAL A 243 -6.31 -13.12 -10.81
C VAL A 243 -7.29 -14.23 -10.42
N LYS A 244 -7.51 -15.21 -11.30
CA LYS A 244 -8.39 -16.32 -11.00
C LYS A 244 -7.95 -17.11 -9.79
N GLU A 245 -6.65 -17.33 -9.67
N GLU A 245 -6.64 -17.34 -9.64
CA GLU A 245 -6.14 -18.05 -8.50
CA GLU A 245 -6.10 -18.06 -8.45
C GLU A 245 -6.55 -17.32 -7.22
C GLU A 245 -6.41 -17.34 -7.14
N TYR A 246 -6.24 -16.01 -7.14
CA TYR A 246 -6.50 -15.27 -5.91
C TYR A 246 -8.00 -15.08 -5.64
N ALA A 247 -8.81 -14.97 -6.71
CA ALA A 247 -10.26 -14.92 -6.55
C ALA A 247 -10.81 -16.16 -5.93
N ASN A 248 -10.09 -17.28 -6.05
N ASN A 248 -10.09 -17.28 -6.07
CA ASN A 248 -10.55 -18.57 -5.60
CA ASN A 248 -10.51 -18.59 -5.64
C ASN A 248 -9.83 -19.11 -4.37
C ASN A 248 -9.78 -19.12 -4.42
N ASP A 249 -8.97 -18.33 -3.75
N ASP A 249 -8.93 -18.31 -3.80
CA ASP A 249 -8.16 -18.83 -2.63
CA ASP A 249 -8.13 -18.79 -2.68
C ASP A 249 -7.68 -17.63 -1.77
C ASP A 249 -7.70 -17.60 -1.81
N GLN A 250 -8.55 -17.28 -0.84
N GLN A 250 -8.52 -17.28 -0.83
CA GLN A 250 -8.31 -16.17 0.08
CA GLN A 250 -8.24 -16.16 0.04
C GLN A 250 -7.00 -16.32 0.82
C GLN A 250 -6.94 -16.33 0.78
N ASP A 251 -6.70 -17.52 1.29
CA ASP A 251 -5.51 -17.75 2.10
C ASP A 251 -4.24 -17.57 1.23
N LYS A 252 -4.28 -18.08 0.00
N LYS A 252 -4.28 -18.08 0.01
CA LYS A 252 -3.13 -17.95 -0.90
CA LYS A 252 -3.12 -17.95 -0.85
C LYS A 252 -2.85 -16.48 -1.23
C LYS A 252 -2.86 -16.46 -1.14
N PHE A 253 -3.91 -15.73 -1.48
CA PHE A 253 -3.77 -14.36 -1.69
C PHE A 253 -3.16 -13.64 -0.50
N PHE A 254 -3.62 -13.94 0.74
CA PHE A 254 -3.08 -13.34 1.95
C PHE A 254 -1.63 -13.62 2.08
N LYS A 255 -1.23 -14.88 1.87
CA LYS A 255 0.16 -15.25 2.04
C LYS A 255 1.06 -14.56 1.00
N ASP A 256 0.63 -14.54 -0.24
CA ASP A 256 1.41 -13.95 -1.29
C ASP A 256 1.47 -12.40 -1.16
N PHE A 257 0.37 -11.78 -0.73
CA PHE A 257 0.39 -10.34 -0.50
C PHE A 257 1.36 -10.04 0.60
N SER A 258 1.31 -10.80 1.69
CA SER A 258 2.19 -10.55 2.82
C SER A 258 3.63 -10.55 2.42
N LYS A 259 4.05 -11.56 1.65
CA LYS A 259 5.43 -11.70 1.18
CA LYS A 259 5.44 -11.65 1.23
C LYS A 259 5.79 -10.50 0.27
N ALA A 260 4.93 -10.19 -0.67
CA ALA A 260 5.22 -9.14 -1.65
C ALA A 260 5.28 -7.77 -0.99
N PHE A 261 4.39 -7.52 -0.05
CA PHE A 261 4.36 -6.23 0.63
C PHE A 261 5.54 -6.05 1.52
N GLU A 262 5.94 -7.08 2.28
CA GLU A 262 7.12 -6.98 3.05
C GLU A 262 8.35 -6.70 2.15
N LYS A 263 8.44 -7.45 1.05
CA LYS A 263 9.54 -7.26 0.10
C LYS A 263 9.55 -5.80 -0.41
N LEU A 264 8.41 -5.31 -0.82
CA LEU A 264 8.30 -3.93 -1.30
C LEU A 264 8.87 -2.95 -0.27
N LEU A 265 8.44 -3.12 0.98
CA LEU A 265 8.84 -2.25 2.06
CA LEU A 265 8.83 -2.25 2.06
C LEU A 265 10.28 -2.37 2.43
N GLU A 266 10.92 -3.49 2.06
CA GLU A 266 12.30 -3.73 2.40
C GLU A 266 13.26 -3.60 1.24
N ASN A 267 12.77 -3.38 0.02
CA ASN A 267 13.71 -3.25 -1.11
C ASN A 267 14.69 -2.14 -0.84
N GLY A 268 15.96 -2.42 -1.14
CA GLY A 268 17.02 -1.48 -0.98
C GLY A 268 17.78 -1.56 0.30
N ILE A 269 17.29 -2.34 1.26
CA ILE A 269 17.86 -2.39 2.60
C ILE A 269 18.69 -3.63 2.75
N THR A 270 19.91 -3.46 3.24
CA THR A 270 20.76 -4.57 3.65
C THR A 270 20.62 -4.80 5.14
N PHE A 271 20.16 -5.99 5.49
CA PHE A 271 20.00 -6.41 6.89
C PHE A 271 21.23 -7.18 7.33
N PRO A 272 21.97 -6.68 8.33
CA PRO A 272 23.11 -7.46 8.84
C PRO A 272 22.69 -8.84 9.28
N LYS A 273 23.62 -9.79 9.22
N LYS A 273 23.61 -9.80 9.21
CA LYS A 273 23.32 -11.19 9.58
CA LYS A 273 23.24 -11.20 9.54
C LYS A 273 22.81 -11.36 11.01
C LYS A 273 22.81 -11.37 11.01
N ASP A 274 23.27 -10.49 11.90
CA ASP A 274 22.85 -10.51 13.31
C ASP A 274 21.73 -9.48 13.66
N ALA A 275 21.07 -8.91 12.62
CA ALA A 275 19.89 -8.07 12.81
C ALA A 275 18.82 -8.88 13.48
N PRO A 276 17.89 -8.24 14.21
CA PRO A 276 16.77 -8.98 14.77
C PRO A 276 15.97 -9.65 13.65
N SER A 277 15.32 -10.76 13.95
CA SER A 277 14.35 -11.34 13.02
C SER A 277 13.18 -10.38 12.81
N PRO A 278 12.46 -10.56 11.72
CA PRO A 278 11.27 -9.74 11.50
C PRO A 278 10.30 -9.87 12.64
N PHE A 279 9.65 -8.78 12.98
CA PHE A 279 8.62 -8.72 13.99
C PHE A 279 7.28 -9.01 13.39
N ILE A 280 6.45 -9.74 14.10
CA ILE A 280 5.03 -9.91 13.76
C ILE A 280 4.20 -9.39 14.90
N PHE A 281 3.65 -8.20 14.65
CA PHE A 281 2.88 -7.49 15.68
C PHE A 281 1.52 -8.10 15.85
N LYS A 282 1.10 -8.09 17.11
CA LYS A 282 -0.25 -8.48 17.49
CA LYS A 282 -0.26 -8.50 17.44
C LYS A 282 -1.24 -7.37 17.16
N THR A 283 -2.41 -7.73 16.67
CA THR A 283 -3.43 -6.70 16.46
C THR A 283 -3.99 -6.20 17.81
N LEU A 284 -4.67 -5.06 17.77
CA LEU A 284 -5.38 -4.64 19.01
C LEU A 284 -6.32 -5.74 19.48
N GLU A 285 -7.05 -6.31 18.54
CA GLU A 285 -7.98 -7.36 18.86
C GLU A 285 -7.32 -8.56 19.55
N GLU A 286 -6.16 -8.97 19.04
CA GLU A 286 -5.45 -10.07 19.67
C GLU A 286 -4.96 -9.75 21.06
N GLN A 287 -4.71 -8.48 21.35
CA GLN A 287 -4.22 -8.04 22.65
C GLN A 287 -5.37 -7.73 23.61
N GLY A 288 -6.59 -7.77 23.14
CA GLY A 288 -7.74 -7.39 23.99
C GLY A 288 -7.79 -5.90 24.26
N LEU A 289 -7.22 -5.10 23.35
CA LEU A 289 -7.20 -3.62 23.46
C LEU A 289 -8.21 -2.96 22.53
CHA HEM B . -5.24 4.33 -4.78
CHB HEM B . -2.79 4.00 -8.91
CHC HEM B . -0.48 0.11 -7.20
CHD HEM B . -2.48 0.84 -2.88
C1A HEM B . -4.75 4.60 -6.01
C2A HEM B . -5.19 5.69 -6.87
C3A HEM B . -4.51 5.62 -8.05
C4A HEM B . -3.66 4.45 -7.90
CMA HEM B . -4.60 6.52 -9.30
CAA HEM B . -6.18 6.75 -6.42
CBA HEM B . -5.53 7.86 -5.61
CGA HEM B . -6.55 8.92 -5.21
O1A HEM B . -7.21 9.44 -6.12
O2A HEM B . -6.68 9.17 -4.00
C1B HEM B . -2.03 2.85 -8.83
C2B HEM B . -1.28 2.33 -9.95
C3B HEM B . -0.69 1.19 -9.46
C4B HEM B . -0.92 1.07 -8.05
CMB HEM B . -1.25 2.89 -11.36
CAB HEM B . 0.19 0.24 -10.20
CBB HEM B . 0.15 0.03 -11.49
C1C HEM B . -0.74 0.04 -5.86
C2C HEM B . -0.06 -0.84 -4.91
C3C HEM B . -0.59 -0.63 -3.70
C4C HEM B . -1.61 0.45 -3.84
CMC HEM B . 1.06 -1.78 -5.31
CAC HEM B . -0.25 -1.19 -2.39
CBC HEM B . 0.09 -2.45 -2.18
C1D HEM B . -3.49 1.79 -3.03
C2D HEM B . -4.48 2.08 -2.01
C3D HEM B . -5.31 3.09 -2.60
C4D HEM B . -4.78 3.36 -3.91
CMD HEM B . -4.68 1.39 -0.70
CAD HEM B . -6.51 3.74 -1.97
CBD HEM B . -6.14 5.06 -1.28
CGD HEM B . -7.28 5.78 -0.58
O1D HEM B . -6.99 6.99 -0.19
O2D HEM B . -8.39 5.28 -0.48
NA HEM B . -3.76 3.86 -6.66
NB HEM B . -1.80 2.11 -7.67
NC HEM B . -1.66 0.81 -5.18
ND HEM B . -3.70 2.55 -4.16
FE HEM B . -2.82 2.28 -5.96
C1' HBA C . -11.01 1.29 -4.59
O1' HBA C . -12.15 0.78 -4.84
C1 HBA C . -9.97 1.40 -5.66
C2 HBA C . -10.29 1.02 -6.97
C3 HBA C . -9.37 1.03 -8.00
C4 HBA C . -8.08 1.53 -7.67
C5 HBA C . -7.73 1.95 -6.35
C6 HBA C . -8.72 1.89 -5.35
O4 HBA C . -7.11 1.51 -8.58
O1 MES D . -8.46 2.58 -6.27
C2 MES D . -8.36 1.83 -5.05
C3 MES D . -9.74 1.44 -4.53
N4 MES D . -10.57 0.89 -5.61
C5 MES D . -10.54 1.48 -6.95
C6 MES D . -9.08 1.82 -7.31
C7 MES D . -11.56 -0.12 -5.32
C8 MES D . -11.95 -1.05 -6.49
S MES D . -13.54 -1.57 -6.24
O1S MES D . -13.67 -1.97 -4.80
O2S MES D . -14.43 -0.46 -6.65
O3S MES D . -13.73 -2.78 -7.09
P PO4 E . -9.84 0.78 10.79
O1 PO4 E . -8.44 0.61 10.31
O2 PO4 E . -10.68 0.49 9.62
O3 PO4 E . -10.04 0.06 12.12
O4 PO4 E . -10.12 2.25 10.95
P PO4 F . -10.72 13.27 0.96
O1 PO4 F . -10.17 14.01 -0.24
O2 PO4 F . -12.05 12.66 0.62
O3 PO4 F . -9.71 12.25 1.36
O4 PO4 F . -10.90 14.28 2.09
#